data_4ZVC
#
_entry.id   4ZVC
#
_cell.length_a   49.220
_cell.length_b   43.570
_cell.length_c   52.440
_cell.angle_alpha   90.00
_cell.angle_beta   100.94
_cell.angle_gamma   90.00
#
_symmetry.space_group_name_H-M   'P 1 21 1'
#
loop_
_entity.id
_entity.type
_entity.pdbx_description
1 polymer 'Diguanylate cyclase DosC'
2 non-polymer 'BENZOIC ACID'
3 water water
#
_entity_poly.entity_id   1
_entity_poly.type   'polypeptide(L)'
_entity_poly.pdbx_seq_one_letter_code
;SLLENAEEEKERQIASILSWEIDIIYKILLDSDLGSSLPLSQADFGLWFNHKGRHYFSGIAEVGHISRLIQDFDGIFNQT
MRNTRNLNNRSLRVKFLLQIRNTVSQIITLLRELFEEVSRHEVGMD
;
_entity_poly.pdbx_strand_id   A,B
#
# COMPACT_ATOMS: atom_id res chain seq x y z
N ASN A 5 -17.31 -12.53 9.09
CA ASN A 5 -17.26 -11.91 7.77
C ASN A 5 -15.91 -12.12 7.10
N ALA A 6 -15.73 -13.28 6.49
CA ALA A 6 -14.43 -13.72 5.99
C ALA A 6 -13.85 -12.84 4.89
N GLU A 7 -14.64 -12.57 3.86
CA GLU A 7 -14.15 -11.81 2.70
C GLU A 7 -13.80 -10.38 3.10
N GLU A 8 -14.59 -9.80 3.99
CA GLU A 8 -14.30 -8.48 4.53
C GLU A 8 -12.98 -8.49 5.28
N GLU A 9 -12.76 -9.50 6.12
CA GLU A 9 -11.52 -9.61 6.88
C GLU A 9 -10.32 -9.75 5.95
N LYS A 10 -10.46 -10.55 4.90
CA LYS A 10 -9.41 -10.73 3.90
C LYS A 10 -8.96 -9.38 3.32
N GLU A 11 -9.91 -8.58 2.87
CA GLU A 11 -9.56 -7.30 2.25
C GLU A 11 -8.99 -6.35 3.30
N ARG A 12 -9.51 -6.40 4.52
CA ARG A 12 -8.97 -5.60 5.61
C ARG A 12 -7.50 -5.92 5.88
N GLN A 13 -7.17 -7.20 5.90
CA GLN A 13 -5.78 -7.60 6.14
C GLN A 13 -4.86 -7.22 4.99
N ILE A 14 -5.34 -7.31 3.75
CA ILE A 14 -4.55 -6.87 2.59
C ILE A 14 -4.28 -5.35 2.66
N ALA A 15 -5.31 -4.57 2.96
CA ALA A 15 -5.12 -3.14 3.14
C ALA A 15 -4.15 -2.85 4.28
N SER A 16 -4.22 -3.64 5.36
CA SER A 16 -3.35 -3.44 6.51
C SER A 16 -1.87 -3.68 6.20
N ILE A 17 -1.56 -4.78 5.52
CA ILE A 17 -0.16 -5.06 5.25
C ILE A 17 0.41 -4.06 4.22
N LEU A 18 -0.39 -3.61 3.26
CA LEU A 18 0.08 -2.58 2.31
C LEU A 18 0.39 -1.28 3.04
N SER A 19 -0.43 -0.93 4.03
CA SER A 19 -0.20 0.31 4.77
CA SER A 19 -0.22 0.30 4.80
C SER A 19 1.06 0.23 5.64
N TRP A 20 1.31 -0.93 6.23
CA TRP A 20 2.53 -1.14 6.99
C TRP A 20 3.77 -0.98 6.09
N GLU A 21 3.72 -1.55 4.88
CA GLU A 21 4.79 -1.41 3.91
C GLU A 21 5.05 0.04 3.53
N ILE A 22 4.00 0.77 3.20
CA ILE A 22 4.15 2.18 2.81
C ILE A 22 4.82 2.99 3.92
N ASP A 23 4.47 2.75 5.18
CA ASP A 23 5.09 3.54 6.23
C ASP A 23 6.60 3.28 6.33
N ILE A 24 7.02 2.03 6.13
CA ILE A 24 8.43 1.72 6.12
C ILE A 24 9.14 2.35 4.91
N ILE A 25 8.52 2.27 3.74
CA ILE A 25 9.08 2.86 2.53
C ILE A 25 9.37 4.34 2.75
N TYR A 26 8.42 5.06 3.34
CA TYR A 26 8.62 6.52 3.52
C TYR A 26 9.61 6.85 4.63
N LYS A 27 9.76 5.99 5.64
CA LYS A 27 10.80 6.23 6.63
C LYS A 27 12.17 6.12 5.96
N ILE A 28 12.33 5.13 5.06
CA ILE A 28 13.58 4.99 4.34
C ILE A 28 13.82 6.17 3.38
N LEU A 29 12.79 6.54 2.62
CA LEU A 29 12.89 7.71 1.74
C LEU A 29 13.34 8.97 2.47
N LEU A 30 12.68 9.28 3.58
CA LEU A 30 12.92 10.56 4.23
C LEU A 30 14.18 10.56 5.09
N ASP A 31 14.42 9.45 5.79
CA ASP A 31 15.39 9.46 6.88
C ASP A 31 16.52 8.43 6.73
N SER A 32 16.42 7.57 5.72
CA SER A 32 17.38 6.50 5.49
CA SER A 32 17.41 6.52 5.49
C SER A 32 17.58 5.65 6.74
N ASP A 33 16.49 5.40 7.45
CA ASP A 33 16.51 4.50 8.60
C ASP A 33 15.13 3.85 8.72
N LEU A 34 14.98 2.93 9.68
CA LEU A 34 13.69 2.29 9.91
C LEU A 34 12.94 2.94 11.09
N GLY A 35 13.62 3.75 11.88
CA GLY A 35 12.94 4.47 12.96
C GLY A 35 12.30 3.54 13.97
N SER A 36 11.00 3.76 14.24
CA SER A 36 10.22 2.95 15.18
CA SER A 36 10.30 2.90 15.19
C SER A 36 9.39 1.88 14.49
N SER A 37 9.72 1.60 13.24
CA SER A 37 9.05 0.56 12.45
C SER A 37 9.13 -0.78 13.17
N LEU A 38 8.09 -1.59 13.00
CA LEU A 38 8.07 -2.93 13.56
C LEU A 38 8.26 -3.99 12.49
N PRO A 39 8.86 -5.13 12.86
CA PRO A 39 8.99 -6.25 11.92
C PRO A 39 7.61 -6.77 11.56
N LEU A 40 7.51 -7.48 10.45
CA LEU A 40 6.22 -7.95 9.98
C LEU A 40 5.48 -8.80 11.01
N SER A 41 6.20 -9.62 11.77
CA SER A 41 5.56 -10.45 12.80
C SER A 41 4.86 -9.64 13.89
N GLN A 42 5.27 -8.38 14.08
CA GLN A 42 4.67 -7.52 15.11
C GLN A 42 3.81 -6.41 14.53
N ALA A 43 3.74 -6.35 13.20
CA ALA A 43 2.83 -5.44 12.51
C ALA A 43 1.40 -5.88 12.82
N ASP A 44 0.42 -5.02 12.54
CA ASP A 44 -0.97 -5.43 12.79
C ASP A 44 -1.30 -6.73 12.04
N PHE A 45 -0.82 -6.87 10.80
CA PHE A 45 -1.09 -8.11 10.07
C PHE A 45 -0.45 -9.33 10.74
N GLY A 46 0.79 -9.19 11.18
CA GLY A 46 1.49 -10.30 11.82
C GLY A 46 0.84 -10.73 13.11
N LEU A 47 0.37 -9.76 13.90
CA LEU A 47 -0.36 -10.09 15.13
C LEU A 47 -1.67 -10.78 14.82
N TRP A 48 -2.36 -10.32 13.78
CA TRP A 48 -3.61 -10.97 13.38
C TRP A 48 -3.34 -12.40 12.91
N PHE A 49 -2.31 -12.57 12.08
CA PHE A 49 -2.02 -13.86 11.51
C PHE A 49 -1.62 -14.85 12.59
N ASN A 50 -0.82 -14.41 13.56
CA ASN A 50 -0.35 -15.33 14.59
C ASN A 50 -1.41 -15.62 15.66
N HIS A 51 -2.21 -14.61 16.01
CA HIS A 51 -3.17 -14.76 17.12
C HIS A 51 -4.50 -15.33 16.66
N LYS A 52 -4.85 -15.12 15.40
CA LYS A 52 -6.16 -15.51 14.89
C LYS A 52 -6.08 -16.29 13.59
N GLY A 53 -5.37 -15.75 12.59
CA GLY A 53 -5.35 -16.36 11.27
C GLY A 53 -4.85 -17.79 11.21
N ARG A 54 -3.73 -18.06 11.88
CA ARG A 54 -3.13 -19.40 11.91
C ARG A 54 -4.13 -20.46 12.34
N HIS A 55 -4.96 -20.09 13.31
CA HIS A 55 -5.83 -21.05 13.97
C HIS A 55 -7.19 -21.13 13.27
N TYR A 56 -7.59 -20.04 12.61
CA TYR A 56 -8.78 -20.04 11.78
C TYR A 56 -8.55 -20.89 10.53
N PHE A 57 -7.29 -21.03 10.14
CA PHE A 57 -6.92 -21.81 8.97
C PHE A 57 -6.06 -23.02 9.32
N SER A 58 -6.19 -23.51 10.56
CA SER A 58 -5.36 -24.62 11.02
C SER A 58 -5.53 -25.86 10.15
N GLY A 59 -4.41 -26.42 9.69
CA GLY A 59 -4.43 -27.60 8.86
C GLY A 59 -4.37 -27.32 7.38
N ILE A 60 -4.08 -26.06 7.02
CA ILE A 60 -3.99 -25.69 5.61
C ILE A 60 -2.57 -25.28 5.22
N ALA A 61 -2.09 -25.82 4.11
CA ALA A 61 -0.71 -25.67 3.66
C ALA A 61 -0.22 -24.23 3.63
N GLU A 62 -1.05 -23.32 3.13
CA GLU A 62 -0.64 -21.93 2.93
C GLU A 62 -0.32 -21.20 4.23
N VAL A 63 -0.78 -21.73 5.36
CA VAL A 63 -0.47 -21.11 6.65
C VAL A 63 1.02 -21.19 6.94
N GLY A 64 1.57 -22.41 6.87
CA GLY A 64 2.99 -22.59 7.06
C GLY A 64 3.80 -21.77 6.07
N HIS A 65 3.28 -21.68 4.85
CA HIS A 65 3.94 -20.93 3.79
C HIS A 65 4.06 -19.44 4.15
N ILE A 66 2.98 -18.84 4.62
CA ILE A 66 3.03 -17.44 5.02
C ILE A 66 3.97 -17.26 6.22
N SER A 67 3.95 -18.20 7.17
CA SER A 67 4.86 -18.13 8.31
C SER A 67 6.32 -18.13 7.87
N ARG A 68 6.63 -18.95 6.85
CA ARG A 68 8.00 -19.03 6.35
C ARG A 68 8.44 -17.68 5.74
N LEU A 69 7.57 -17.05 4.97
CA LEU A 69 7.89 -15.76 4.34
C LEU A 69 8.06 -14.65 5.36
N ILE A 70 7.22 -14.66 6.40
CA ILE A 70 7.36 -13.70 7.48
C ILE A 70 8.69 -13.88 8.22
N GLN A 71 9.04 -15.13 8.55
CA GLN A 71 10.28 -15.39 9.26
C GLN A 71 11.50 -14.95 8.42
N ASP A 72 11.49 -15.26 7.11
CA ASP A 72 12.59 -14.85 6.26
C ASP A 72 12.70 -13.33 6.20
N PHE A 73 11.57 -12.65 6.01
CA PHE A 73 11.67 -11.20 5.94
C PHE A 73 12.02 -10.55 7.29
N ASP A 74 11.58 -11.12 8.40
CA ASP A 74 12.01 -10.63 9.73
C ASP A 74 13.54 -10.64 9.80
N GLY A 75 14.16 -11.69 9.26
CA GLY A 75 15.61 -11.76 9.23
C GLY A 75 16.26 -10.60 8.47
N ILE A 76 15.72 -10.30 7.29
CA ILE A 76 16.20 -9.19 6.47
C ILE A 76 15.96 -7.83 7.16
N PHE A 77 14.79 -7.67 7.75
CA PHE A 77 14.44 -6.46 8.51
C PHE A 77 15.43 -6.24 9.64
N ASN A 78 15.75 -7.31 10.37
CA ASN A 78 16.61 -7.13 11.52
C ASN A 78 18.07 -6.94 11.12
N GLN A 79 18.46 -7.49 9.98
CA GLN A 79 19.81 -7.22 9.47
C GLN A 79 19.96 -5.74 9.19
N THR A 80 18.91 -5.16 8.63
CA THR A 80 18.91 -3.74 8.30
C THR A 80 18.86 -2.87 9.57
N MET A 81 18.04 -3.26 10.54
CA MET A 81 18.00 -2.56 11.84
C MET A 81 19.37 -2.47 12.46
N ARG A 82 20.15 -3.53 12.33
CA ARG A 82 21.46 -3.59 12.97
C ARG A 82 22.51 -2.84 12.15
N ASN A 83 22.27 -2.68 10.86
CA ASN A 83 23.18 -1.91 10.03
C ASN A 83 22.45 -1.07 8.99
N THR A 84 21.90 0.05 9.43
CA THR A 84 21.12 0.90 8.53
C THR A 84 22.00 1.67 7.56
N ARG A 85 23.32 1.62 7.74
CA ARG A 85 24.22 2.28 6.80
C ARG A 85 24.04 1.70 5.39
N ASN A 86 23.55 0.47 5.32
CA ASN A 86 23.20 -0.15 4.04
C ASN A 86 22.21 0.71 3.24
N LEU A 87 21.30 1.38 3.93
CA LEU A 87 20.30 2.20 3.26
C LEU A 87 20.92 3.44 2.59
N ASN A 88 22.17 3.76 2.92
CA ASN A 88 22.88 4.86 2.27
C ASN A 88 23.49 4.46 0.93
N ASN A 89 23.55 3.16 0.67
CA ASN A 89 24.05 2.67 -0.60
C ASN A 89 22.89 2.43 -1.53
N ARG A 90 22.91 3.06 -2.71
CA ARG A 90 21.80 2.97 -3.64
C ARG A 90 21.35 1.54 -3.92
N SER A 91 22.29 0.64 -4.25
CA SER A 91 21.91 -0.73 -4.62
CA SER A 91 21.92 -0.72 -4.62
C SER A 91 21.36 -1.50 -3.43
N LEU A 92 21.93 -1.29 -2.23
CA LEU A 92 21.45 -2.05 -1.06
C LEU A 92 20.12 -1.50 -0.56
N ARG A 93 19.90 -0.21 -0.77
CA ARG A 93 18.63 0.43 -0.46
C ARG A 93 17.54 -0.12 -1.38
N VAL A 94 17.81 -0.18 -2.68
CA VAL A 94 16.86 -0.76 -3.64
C VAL A 94 16.60 -2.24 -3.31
N LYS A 95 17.65 -2.96 -2.94
CA LYS A 95 17.49 -4.37 -2.59
C LYS A 95 16.49 -4.55 -1.46
N PHE A 96 16.68 -3.81 -0.36
CA PHE A 96 15.74 -3.89 0.75
C PHE A 96 14.32 -3.53 0.34
N LEU A 97 14.18 -2.43 -0.39
CA LEU A 97 12.85 -1.98 -0.79
C LEU A 97 12.16 -2.99 -1.69
N LEU A 98 12.89 -3.64 -2.59
CA LEU A 98 12.28 -4.69 -3.39
C LEU A 98 11.88 -5.89 -2.54
N GLN A 99 12.73 -6.24 -1.55
CA GLN A 99 12.44 -7.41 -0.75
C GLN A 99 11.20 -7.19 0.12
N ILE A 100 10.98 -5.98 0.65
CA ILE A 100 9.76 -5.82 1.41
C ILE A 100 8.53 -5.85 0.48
N ARG A 101 8.60 -5.17 -0.67
CA ARG A 101 7.47 -5.16 -1.58
C ARG A 101 7.12 -6.55 -2.08
N ASN A 102 8.15 -7.31 -2.46
CA ASN A 102 7.93 -8.64 -3.01
C ASN A 102 7.50 -9.66 -1.94
N THR A 103 7.98 -9.51 -0.71
CA THR A 103 7.47 -10.32 0.40
C THR A 103 5.98 -10.07 0.59
N VAL A 104 5.58 -8.79 0.58
CA VAL A 104 4.18 -8.48 0.80
C VAL A 104 3.31 -8.98 -0.37
N SER A 105 3.78 -8.87 -1.61
CA SER A 105 3.02 -9.35 -2.77
CA SER A 105 2.97 -9.32 -2.74
C SER A 105 2.74 -10.85 -2.64
N GLN A 106 3.77 -11.60 -2.27
CA GLN A 106 3.64 -13.05 -2.14
C GLN A 106 2.72 -13.45 -0.99
N ILE A 107 2.81 -12.74 0.12
CA ILE A 107 1.90 -13.00 1.23
C ILE A 107 0.45 -12.71 0.85
N ILE A 108 0.21 -11.61 0.15
CA ILE A 108 -1.14 -11.29 -0.30
C ILE A 108 -1.71 -12.40 -1.16
N THR A 109 -0.91 -12.92 -2.09
CA THR A 109 -1.38 -14.01 -2.93
C THR A 109 -1.74 -15.25 -2.10
N LEU A 110 -0.90 -15.58 -1.13
CA LEU A 110 -1.15 -16.75 -0.30
C LEU A 110 -2.38 -16.54 0.58
N LEU A 111 -2.56 -15.32 1.07
CA LEU A 111 -3.74 -14.96 1.85
CA LEU A 111 -3.73 -15.02 1.87
C LEU A 111 -5.01 -15.20 1.07
N ARG A 112 -5.01 -14.77 -0.18
CA ARG A 112 -6.17 -14.98 -1.05
C ARG A 112 -6.46 -16.46 -1.19
N GLU A 113 -5.42 -17.27 -1.36
CA GLU A 113 -5.58 -18.72 -1.48
C GLU A 113 -6.14 -19.34 -0.19
N LEU A 114 -5.66 -18.87 0.96
CA LEU A 114 -6.15 -19.36 2.25
C LEU A 114 -7.65 -19.11 2.42
N PHE A 115 -8.08 -17.90 2.10
CA PHE A 115 -9.48 -17.55 2.27
C PHE A 115 -10.35 -18.31 1.24
N GLU A 116 -9.78 -18.59 0.08
CA GLU A 116 -10.49 -19.43 -0.90
C GLU A 116 -10.67 -20.82 -0.33
N GLU A 117 -9.60 -21.37 0.24
CA GLU A 117 -9.63 -22.72 0.77
C GLU A 117 -10.66 -22.85 1.90
N VAL A 118 -10.82 -21.80 2.70
CA VAL A 118 -11.76 -21.84 3.81
C VAL A 118 -13.20 -21.60 3.32
N SER A 119 -13.36 -20.99 2.15
CA SER A 119 -14.70 -20.75 1.62
C SER A 119 -15.24 -22.02 0.95
N ARG A 120 -14.34 -22.93 0.60
CA ARG A 120 -14.76 -24.19 -0.01
C ARG A 120 -14.79 -25.31 1.02
N ASN B 5 -22.46 -6.01 0.41
CA ASN B 5 -21.20 -6.22 1.12
C ASN B 5 -20.38 -4.94 1.17
N ALA B 6 -20.95 -3.90 1.76
CA ALA B 6 -20.35 -2.57 1.71
C ALA B 6 -18.98 -2.50 2.39
N GLU B 7 -18.84 -3.09 3.57
CA GLU B 7 -17.57 -3.01 4.30
C GLU B 7 -16.45 -3.75 3.57
N GLU B 8 -16.79 -4.89 2.96
CA GLU B 8 -15.83 -5.62 2.13
C GLU B 8 -15.39 -4.77 0.95
N GLU B 9 -16.33 -4.07 0.32
CA GLU B 9 -16.03 -3.22 -0.83
C GLU B 9 -15.14 -2.04 -0.41
N LYS B 10 -15.43 -1.47 0.75
CA LYS B 10 -14.60 -0.40 1.31
C LYS B 10 -13.14 -0.83 1.39
N GLU B 11 -12.90 -1.99 2.01
CA GLU B 11 -11.54 -2.44 2.22
C GLU B 11 -10.87 -2.80 0.90
N ARG B 12 -11.65 -3.37 -0.03
CA ARG B 12 -11.12 -3.66 -1.36
C ARG B 12 -10.66 -2.39 -2.07
N GLN B 13 -11.43 -1.32 -1.96
CA GLN B 13 -11.07 -0.06 -2.63
C GLN B 13 -9.86 0.60 -1.96
N ILE B 14 -9.77 0.51 -0.64
CA ILE B 14 -8.58 1.01 0.06
C ILE B 14 -7.34 0.22 -0.37
N ALA B 15 -7.44 -1.10 -0.42
CA ALA B 15 -6.33 -1.92 -0.92
C ALA B 15 -5.95 -1.52 -2.36
N SER B 16 -6.97 -1.29 -3.18
CA SER B 16 -6.74 -0.90 -4.58
C SER B 16 -5.94 0.40 -4.72
N ILE B 17 -6.33 1.45 -3.99
CA ILE B 17 -5.65 2.72 -4.16
C ILE B 17 -4.24 2.66 -3.56
N LEU B 18 -4.05 1.93 -2.46
CA LEU B 18 -2.71 1.73 -1.91
C LEU B 18 -1.77 1.01 -2.88
N SER B 19 -2.30 0.01 -3.59
CA SER B 19 -1.50 -0.74 -4.57
CA SER B 19 -1.51 -0.74 -4.57
C SER B 19 -1.12 0.12 -5.76
N TRP B 20 -2.04 0.97 -6.20
CA TRP B 20 -1.76 1.91 -7.27
C TRP B 20 -0.59 2.86 -6.89
N GLU B 21 -0.66 3.41 -5.68
CA GLU B 21 0.39 4.25 -5.13
C GLU B 21 1.75 3.52 -5.08
N ILE B 22 1.75 2.30 -4.54
CA ILE B 22 2.99 1.54 -4.42
C ILE B 22 3.66 1.32 -5.78
N ASP B 23 2.86 1.00 -6.80
CA ASP B 23 3.47 0.80 -8.11
C ASP B 23 4.13 2.09 -8.66
N ILE B 24 3.52 3.25 -8.43
CA ILE B 24 4.12 4.51 -8.85
C ILE B 24 5.40 4.77 -8.05
N ILE B 25 5.35 4.55 -6.74
CA ILE B 25 6.52 4.76 -5.90
C ILE B 25 7.72 3.94 -6.39
N TYR B 26 7.49 2.67 -6.74
CA TYR B 26 8.60 1.84 -7.21
C TYR B 26 9.07 2.20 -8.63
N LYS B 27 8.20 2.73 -9.48
CA LYS B 27 8.68 3.19 -10.78
C LYS B 27 9.64 4.38 -10.58
N ILE B 28 9.29 5.27 -9.66
CA ILE B 28 10.17 6.40 -9.36
C ILE B 28 11.49 5.93 -8.75
N LEU B 29 11.41 5.04 -7.76
CA LEU B 29 12.61 4.47 -7.14
C LEU B 29 13.56 3.86 -8.17
N LEU B 30 13.04 3.01 -9.04
CA LEU B 30 13.91 2.25 -9.91
C LEU B 30 14.36 3.07 -11.11
N ASP B 31 13.45 3.85 -11.68
CA ASP B 31 13.67 4.41 -13.01
C ASP B 31 13.63 5.95 -13.08
N SER B 32 13.25 6.59 -11.97
CA SER B 32 13.11 8.04 -11.91
CA SER B 32 13.14 8.04 -11.94
C SER B 32 12.19 8.57 -13.02
N ASP B 33 11.11 7.83 -13.28
CA ASP B 33 10.08 8.29 -14.20
C ASP B 33 8.75 7.68 -13.75
N LEU B 34 7.67 8.01 -14.44
CA LEU B 34 6.38 7.43 -14.15
C LEU B 34 6.01 6.31 -15.12
N GLY B 35 6.78 6.14 -16.19
CA GLY B 35 6.55 5.03 -17.11
C GLY B 35 5.16 4.99 -17.69
N SER B 36 4.48 3.85 -17.55
CA SER B 36 3.13 3.71 -18.08
CA SER B 36 3.13 3.65 -18.05
C SER B 36 2.07 3.84 -16.98
N SER B 37 2.44 4.46 -15.87
CA SER B 37 1.52 4.78 -14.77
C SER B 37 0.34 5.60 -15.26
N LEU B 38 -0.82 5.38 -14.65
CA LEU B 38 -2.02 6.16 -14.96
C LEU B 38 -2.32 7.16 -13.85
N PRO B 39 -2.93 8.30 -14.21
CA PRO B 39 -3.39 9.24 -13.19
C PRO B 39 -4.47 8.60 -12.32
N LEU B 40 -4.69 9.12 -11.12
CA LEU B 40 -5.65 8.54 -10.20
C LEU B 40 -7.06 8.43 -10.78
N SER B 41 -7.49 9.42 -11.58
CA SER B 41 -8.81 9.34 -12.21
C SER B 41 -8.97 8.14 -13.15
N GLN B 42 -7.86 7.60 -13.68
CA GLN B 42 -7.94 6.43 -14.58
C GLN B 42 -7.43 5.14 -13.94
N ALA B 43 -6.99 5.22 -12.68
CA ALA B 43 -6.63 4.04 -11.91
C ALA B 43 -7.89 3.24 -11.63
N ASP B 44 -7.74 2.00 -11.19
CA ASP B 44 -8.94 1.20 -10.90
C ASP B 44 -9.83 1.91 -9.88
N PHE B 45 -9.23 2.53 -8.88
CA PHE B 45 -10.04 3.24 -7.89
C PHE B 45 -10.80 4.41 -8.51
N GLY B 46 -10.12 5.19 -9.34
CA GLY B 46 -10.76 6.35 -9.95
C GLY B 46 -11.91 5.94 -10.85
N LEU B 47 -11.71 4.87 -11.62
CA LEU B 47 -12.78 4.33 -12.46
C LEU B 47 -13.96 3.84 -11.62
N TRP B 48 -13.68 3.13 -10.54
CA TRP B 48 -14.74 2.69 -9.63
C TRP B 48 -15.48 3.89 -9.05
N PHE B 49 -14.72 4.88 -8.58
CA PHE B 49 -15.34 6.01 -7.91
C PHE B 49 -16.24 6.79 -8.86
N ASN B 50 -15.83 6.95 -10.10
CA ASN B 50 -16.61 7.75 -11.04
C ASN B 50 -17.80 7.01 -11.62
N HIS B 51 -17.70 5.68 -11.75
CA HIS B 51 -18.75 4.90 -12.40
C HIS B 51 -19.77 4.35 -11.41
N LYS B 52 -19.30 3.90 -10.26
CA LYS B 52 -20.16 3.27 -9.26
C LYS B 52 -20.21 4.03 -7.95
N GLY B 53 -19.06 4.43 -7.42
CA GLY B 53 -19.02 5.11 -6.14
C GLY B 53 -19.87 6.37 -6.07
N ARG B 54 -19.73 7.21 -7.08
CA ARG B 54 -20.48 8.47 -7.15
C ARG B 54 -21.98 8.26 -7.02
N HIS B 55 -22.47 7.17 -7.58
CA HIS B 55 -23.91 6.93 -7.66
C HIS B 55 -24.42 6.16 -6.45
N TYR B 56 -23.55 5.42 -5.80
CA TYR B 56 -23.88 4.73 -4.56
C TYR B 56 -23.88 5.70 -3.39
N PHE B 57 -23.10 6.77 -3.51
CA PHE B 57 -23.01 7.77 -2.46
C PHE B 57 -23.63 9.10 -2.87
N SER B 58 -24.47 9.07 -3.91
CA SER B 58 -25.06 10.27 -4.48
C SER B 58 -25.75 11.14 -3.44
N GLY B 59 -25.45 12.44 -3.47
CA GLY B 59 -26.03 13.38 -2.53
C GLY B 59 -25.34 13.39 -1.17
N ILE B 60 -24.04 13.13 -1.17
CA ILE B 60 -23.26 13.18 0.07
C ILE B 60 -21.96 13.98 -0.12
N ALA B 61 -21.74 14.92 0.80
CA ALA B 61 -20.64 15.89 0.74
C ALA B 61 -19.28 15.30 0.36
N GLU B 62 -18.88 14.23 1.03
CA GLU B 62 -17.53 13.69 0.86
C GLU B 62 -17.25 13.17 -0.56
N VAL B 63 -18.30 12.95 -1.34
CA VAL B 63 -18.11 12.55 -2.73
C VAL B 63 -17.45 13.67 -3.51
N GLY B 64 -18.01 14.88 -3.42
CA GLY B 64 -17.39 16.00 -4.09
C GLY B 64 -15.98 16.23 -3.57
N HIS B 65 -15.77 15.95 -2.29
CA HIS B 65 -14.49 16.18 -1.67
C HIS B 65 -13.41 15.28 -2.28
N ILE B 66 -13.71 13.98 -2.40
CA ILE B 66 -12.78 13.06 -3.04
C ILE B 66 -12.49 13.50 -4.48
N SER B 67 -13.52 13.95 -5.19
CA SER B 67 -13.34 14.40 -6.57
C SER B 67 -12.35 15.56 -6.67
N ARG B 68 -12.42 16.49 -5.72
CA ARG B 68 -11.54 17.64 -5.69
C ARG B 68 -10.09 17.18 -5.47
N LEU B 69 -9.89 16.23 -4.56
CA LEU B 69 -8.54 15.75 -4.26
C LEU B 69 -7.94 14.99 -5.46
N ILE B 70 -8.77 14.21 -6.14
CA ILE B 70 -8.31 13.53 -7.35
C ILE B 70 -7.90 14.53 -8.44
N GLN B 71 -8.73 15.55 -8.65
CA GLN B 71 -8.43 16.55 -9.69
C GLN B 71 -7.13 17.29 -9.37
N ASP B 72 -6.94 17.68 -8.11
CA ASP B 72 -5.72 18.37 -7.74
C ASP B 72 -4.50 17.48 -7.96
N PHE B 73 -4.58 16.22 -7.55
CA PHE B 73 -3.42 15.38 -7.73
C PHE B 73 -3.20 15.02 -9.20
N ASP B 74 -4.26 14.90 -9.99
CA ASP B 74 -4.09 14.70 -11.45
C ASP B 74 -3.21 15.82 -12.02
N GLY B 75 -3.42 17.04 -11.53
CA GLY B 75 -2.63 18.16 -12.00
C GLY B 75 -1.17 17.98 -11.70
N ILE B 76 -0.88 17.56 -10.47
CA ILE B 76 0.50 17.35 -10.04
C ILE B 76 1.14 16.17 -10.81
N PHE B 77 0.37 15.11 -11.01
CA PHE B 77 0.82 13.93 -11.75
C PHE B 77 1.19 14.34 -13.18
N ASN B 78 0.34 15.16 -13.79
CA ASN B 78 0.57 15.53 -15.18
C ASN B 78 1.70 16.52 -15.35
N GLN B 79 1.90 17.37 -14.34
CA GLN B 79 3.07 18.25 -14.36
C GLN B 79 4.36 17.42 -14.36
N THR B 80 4.38 16.35 -13.57
CA THR B 80 5.55 15.50 -13.49
C THR B 80 5.73 14.70 -14.78
N MET B 81 4.63 14.18 -15.34
CA MET B 81 4.72 13.49 -16.65
C MET B 81 5.39 14.36 -17.69
N ARG B 82 5.11 15.66 -17.65
CA ARG B 82 5.62 16.58 -18.66
C ARG B 82 7.04 17.03 -18.35
N ASN B 83 7.45 16.90 -17.09
CA ASN B 83 8.82 17.25 -16.71
C ASN B 83 9.36 16.31 -15.63
N THR B 84 9.70 15.09 -16.03
CA THR B 84 10.17 14.09 -15.08
C THR B 84 11.58 14.39 -14.57
N ARG B 85 12.24 15.37 -15.17
CA ARG B 85 13.56 15.76 -14.67
C ARG B 85 13.46 16.22 -13.21
N ASN B 86 12.28 16.65 -12.79
CA ASN B 86 12.04 16.98 -11.39
C ASN B 86 12.37 15.83 -10.45
N LEU B 87 12.14 14.60 -10.91
CA LEU B 87 12.39 13.42 -10.09
C LEU B 87 13.89 13.16 -9.88
N ASN B 88 14.74 13.86 -10.63
CA ASN B 88 16.19 13.76 -10.44
C ASN B 88 16.69 14.66 -9.32
N ASN B 89 15.84 15.58 -8.87
CA ASN B 89 16.19 16.47 -7.77
C ASN B 89 15.64 15.91 -6.48
N ARG B 90 16.51 15.69 -5.48
CA ARG B 90 16.08 15.05 -4.24
C ARG B 90 14.87 15.73 -3.62
N SER B 91 14.88 17.05 -3.52
CA SER B 91 13.79 17.74 -2.86
C SER B 91 12.48 17.62 -3.64
N LEU B 92 12.55 17.74 -4.97
CA LEU B 92 11.34 17.69 -5.79
C LEU B 92 10.82 16.25 -5.90
N ARG B 93 11.72 15.28 -5.84
CA ARG B 93 11.32 13.87 -5.80
C ARG B 93 10.57 13.58 -4.51
N VAL B 94 11.12 14.00 -3.38
CA VAL B 94 10.45 13.84 -2.10
C VAL B 94 9.09 14.56 -2.07
N LYS B 95 9.04 15.75 -2.64
CA LYS B 95 7.79 16.51 -2.72
C LYS B 95 6.71 15.70 -3.43
N PHE B 96 7.02 15.19 -4.62
CA PHE B 96 6.04 14.41 -5.34
C PHE B 96 5.61 13.18 -4.56
N LEU B 97 6.59 12.47 -4.01
CA LEU B 97 6.28 11.25 -3.25
C LEU B 97 5.40 11.54 -2.03
N LEU B 98 5.65 12.64 -1.32
CA LEU B 98 4.76 13.01 -0.22
C LEU B 98 3.36 13.37 -0.71
N GLN B 99 3.28 14.08 -1.83
CA GLN B 99 1.98 14.52 -2.34
C GLN B 99 1.13 13.33 -2.80
N ILE B 100 1.72 12.28 -3.39
CA ILE B 100 0.87 11.14 -3.73
C ILE B 100 0.43 10.41 -2.47
N ARG B 101 1.33 10.18 -1.52
CA ARG B 101 0.97 9.46 -0.30
C ARG B 101 -0.09 10.22 0.49
N ASN B 102 0.08 11.53 0.60
CA ASN B 102 -0.83 12.32 1.43
C ASN B 102 -2.20 12.51 0.75
N THR B 103 -2.23 12.57 -0.59
CA THR B 103 -3.49 12.55 -1.32
C THR B 103 -4.25 11.24 -1.02
N VAL B 104 -3.54 10.11 -1.11
CA VAL B 104 -4.18 8.82 -0.91
C VAL B 104 -4.66 8.66 0.54
N SER B 105 -3.88 9.13 1.52
CA SER B 105 -4.30 9.08 2.94
CA SER B 105 -4.33 9.01 2.91
C SER B 105 -5.60 9.85 3.17
N GLN B 106 -5.69 11.04 2.59
CA GLN B 106 -6.88 11.87 2.75
C GLN B 106 -8.11 11.25 2.07
N ILE B 107 -7.93 10.71 0.88
CA ILE B 107 -9.02 10.03 0.20
C ILE B 107 -9.50 8.80 0.99
N ILE B 108 -8.57 8.01 1.53
CA ILE B 108 -8.97 6.86 2.35
C ILE B 108 -9.83 7.29 3.53
N THR B 109 -9.44 8.36 4.22
CA THR B 109 -10.24 8.84 5.33
C THR B 109 -11.65 9.23 4.91
N LEU B 110 -11.76 9.97 3.81
CA LEU B 110 -13.06 10.36 3.27
C LEU B 110 -13.88 9.15 2.82
N LEU B 111 -13.23 8.14 2.25
CA LEU B 111 -13.91 6.94 1.83
C LEU B 111 -14.50 6.23 3.05
N ARG B 112 -13.74 6.16 4.13
CA ARG B 112 -14.22 5.54 5.36
CA ARG B 112 -14.23 5.53 5.36
C ARG B 112 -15.46 6.26 5.86
N GLU B 113 -15.44 7.59 5.82
CA GLU B 113 -16.58 8.37 6.25
C GLU B 113 -17.82 8.11 5.39
N LEU B 114 -17.61 7.99 4.08
CA LEU B 114 -18.73 7.77 3.16
C LEU B 114 -19.42 6.45 3.42
N PHE B 115 -18.63 5.39 3.59
CA PHE B 115 -19.17 4.08 3.87
C PHE B 115 -19.84 4.02 5.25
N GLU B 116 -19.34 4.81 6.19
CA GLU B 116 -19.97 4.94 7.50
C GLU B 116 -21.39 5.47 7.35
N GLU B 117 -21.53 6.54 6.58
CA GLU B 117 -22.80 7.23 6.39
C GLU B 117 -23.90 6.29 5.92
N VAL B 118 -23.58 5.45 4.94
CA VAL B 118 -24.57 4.54 4.35
C VAL B 118 -24.96 3.41 5.31
N SER B 119 -24.02 2.98 6.15
CA SER B 119 -24.29 1.91 7.10
C SER B 119 -25.31 2.32 8.15
#